data_4KQ0
#
_entry.id   4KQ0
#
_cell.length_a   90.926
_cell.length_b   90.926
_cell.length_c   147.791
_cell.angle_alpha   90.000
_cell.angle_beta   90.000
_cell.angle_gamma   120.000
#
_symmetry.space_group_name_H-M   'H 3'
#
loop_
_entity.id
_entity.type
_entity.pdbx_description
1 polymer 'RNA silencing suppressor p19'
2 polymer "5'-R(P*GP*GP*CP*GP*GP*CP*GP*GP*CP*GP*GP*CP*GP*GP*CP*GP*GP*CP*C)-3'"
3 non-polymer 'SULFATE ION'
4 water water
#
loop_
_entity_poly.entity_id
_entity_poly.type
_entity_poly.pdbx_seq_one_letter_code
_entity_poly.pdbx_strand_id
1 'polypeptide(L)'
;GSHMTSPFKLPDESPSWTEWRLHNDETNSNQDNPLGFKESWGFGKVVFKRYLRYDRTEASLHRVLGSWTGDSVNYAASRF
FGFDQIGCTYSIRFRGVSITVSGGSRTLQHLCEMAIRSKQEMLQMAPIEVESNVS
;
A,D
2 'polyribonucleotide' GGCGGCGGCGGCGGCGGCC B,E
#
# COMPACT_ATOMS: atom_id res chain seq x y z
N MET A 4 3.52 18.78 -18.87
CA MET A 4 4.43 18.20 -17.84
C MET A 4 4.93 16.82 -18.28
N THR A 5 6.17 16.46 -17.97
CA THR A 5 6.71 15.14 -18.30
C THR A 5 6.18 14.05 -17.34
N SER A 6 5.69 12.99 -17.92
CA SER A 6 5.03 11.93 -17.18
C SER A 6 6.04 11.02 -16.61
N PRO A 7 5.74 10.42 -15.46
CA PRO A 7 6.53 9.29 -15.00
C PRO A 7 6.26 8.02 -15.80
N PHE A 8 5.12 7.97 -16.48
CA PHE A 8 4.77 6.82 -17.31
C PHE A 8 5.43 6.68 -18.69
N LYS A 9 5.67 5.44 -19.09
CA LYS A 9 6.31 5.06 -20.34
C LYS A 9 5.34 4.36 -21.35
N LEU A 10 4.09 4.18 -20.96
CA LEU A 10 3.04 3.61 -21.84
C LEU A 10 1.93 4.62 -21.77
N PRO A 11 1.23 4.81 -22.88
CA PRO A 11 0.15 5.73 -22.87
C PRO A 11 -1.11 5.19 -22.15
N ASP A 12 -2.04 6.08 -21.83
CA ASP A 12 -3.27 5.71 -21.19
C ASP A 12 -4.14 4.82 -22.05
N GLU A 13 -4.91 3.94 -21.43
CA GLU A 13 -5.81 2.97 -22.13
C GLU A 13 -7.21 2.95 -21.55
N SER A 14 -7.69 4.10 -21.09
CA SER A 14 -9.00 4.19 -20.47
C SER A 14 -10.08 3.75 -21.48
N PRO A 15 -10.96 2.80 -21.11
CA PRO A 15 -12.03 2.45 -22.04
C PRO A 15 -13.03 3.55 -22.16
N SER A 16 -13.59 3.72 -23.37
CA SER A 16 -14.76 4.56 -23.56
C SER A 16 -15.92 4.00 -22.71
N TRP A 17 -16.89 4.85 -22.47
CA TRP A 17 -18.13 4.38 -21.84
C TRP A 17 -18.79 3.19 -22.57
N THR A 18 -18.85 3.26 -23.89
CA THR A 18 -19.38 2.14 -24.67
C THR A 18 -18.56 0.89 -24.56
N GLU A 19 -17.25 0.99 -24.68
CA GLU A 19 -16.47 -0.27 -24.50
C GLU A 19 -16.69 -0.88 -23.12
N TRP A 20 -16.73 -0.02 -22.11
CA TRP A 20 -16.91 -0.46 -20.70
C TRP A 20 -18.29 -1.14 -20.53
N ARG A 21 -19.33 -0.56 -21.10
CA ARG A 21 -20.66 -1.23 -21.07
C ARG A 21 -20.63 -2.60 -21.75
N LEU A 22 -20.01 -2.64 -22.95
CA LEU A 22 -19.96 -3.91 -23.66
C LEU A 22 -19.22 -4.94 -22.86
N HIS A 23 -18.16 -4.52 -22.17
CA HIS A 23 -17.35 -5.52 -21.47
C HIS A 23 -18.20 -6.00 -20.28
N ASN A 24 -18.84 -5.05 -19.63
CA ASN A 24 -19.78 -5.43 -18.56
C ASN A 24 -20.88 -6.40 -18.97
N ASP A 25 -21.50 -6.15 -20.12
CA ASP A 25 -22.51 -7.08 -20.60
C ASP A 25 -22.01 -8.47 -20.85
N GLU A 26 -20.76 -8.64 -21.22
CA GLU A 26 -20.32 -9.93 -21.68
C GLU A 26 -19.52 -10.72 -20.67
N THR A 27 -19.21 -10.18 -19.48
CA THR A 27 -18.50 -10.95 -18.45
C THR A 27 -19.42 -11.26 -17.29
N ASN A 30 -18.68 -8.35 -13.61
CA ASN A 30 -17.81 -9.04 -12.67
C ASN A 30 -16.56 -8.24 -12.28
N GLN A 31 -16.44 -7.88 -10.99
CA GLN A 31 -15.37 -7.02 -10.47
C GLN A 31 -14.02 -7.74 -10.41
N ASP A 32 -14.09 -9.05 -10.54
CA ASP A 32 -12.88 -9.84 -10.60
C ASP A 32 -12.34 -10.04 -11.99
N ASN A 33 -13.03 -9.53 -13.02
CA ASN A 33 -12.49 -9.58 -14.40
C ASN A 33 -12.64 -8.28 -15.20
N PRO A 34 -11.95 -7.25 -14.72
CA PRO A 34 -12.08 -5.98 -15.40
C PRO A 34 -11.19 -5.99 -16.64
N LEU A 35 -11.29 -4.91 -17.40
CA LEU A 35 -10.46 -4.65 -18.58
C LEU A 35 -9.05 -4.39 -18.17
N GLY A 36 -8.86 -3.73 -17.04
CA GLY A 36 -7.48 -3.60 -16.52
C GLY A 36 -7.43 -2.97 -15.14
N PHE A 37 -6.42 -2.16 -14.87
CA PHE A 37 -6.27 -1.56 -13.51
C PHE A 37 -5.91 -0.11 -13.70
N LYS A 38 -6.06 0.63 -12.61
CA LYS A 38 -5.72 2.02 -12.55
C LYS A 38 -4.56 2.25 -11.63
N GLU A 39 -3.64 3.09 -12.06
CA GLU A 39 -2.51 3.51 -11.27
C GLU A 39 -2.25 5.01 -11.37
N SER A 40 -1.59 5.56 -10.34
CA SER A 40 -1.28 6.98 -10.27
C SER A 40 -0.01 7.27 -9.50
N TRP A 41 0.74 8.25 -9.99
CA TRP A 41 1.88 8.82 -9.32
C TRP A 41 1.59 10.29 -9.06
N GLY A 42 1.83 10.70 -7.81
CA GLY A 42 1.50 12.05 -7.32
C GLY A 42 2.78 12.58 -6.68
N PHE A 43 3.18 13.79 -7.10
CA PHE A 43 4.35 14.49 -6.58
C PHE A 43 3.92 15.92 -6.19
N GLY A 44 3.85 16.25 -4.91
CA GLY A 44 3.43 17.58 -4.52
C GLY A 44 1.99 17.70 -4.88
N LYS A 45 1.64 18.63 -5.77
CA LYS A 45 0.21 18.92 -6.07
C LYS A 45 -0.21 18.21 -7.36
N VAL A 46 0.73 17.66 -8.07
CA VAL A 46 0.41 17.09 -9.37
C VAL A 46 0.24 15.56 -9.33
N VAL A 47 -0.80 15.06 -10.03
CA VAL A 47 -1.04 13.64 -10.20
C VAL A 47 -1.11 13.17 -11.68
N PHE A 48 -0.44 12.06 -11.99
CA PHE A 48 -0.45 11.45 -13.29
C PHE A 48 -1.12 10.11 -13.17
N LYS A 49 -1.97 9.78 -14.13
CA LYS A 49 -2.83 8.61 -14.02
C LYS A 49 -2.78 7.79 -15.25
N ARG A 50 -2.97 6.48 -15.07
CA ARG A 50 -3.05 5.51 -16.17
C ARG A 50 -4.09 4.48 -15.81
N TYR A 51 -4.91 4.14 -16.81
CA TYR A 51 -5.63 2.86 -16.89
C TYR A 51 -4.91 2.00 -17.91
N LEU A 52 -4.55 0.81 -17.51
CA LEU A 52 -3.85 -0.12 -18.39
C LEU A 52 -4.58 -1.44 -18.43
N ARG A 53 -4.65 -2.03 -19.63
CA ARG A 53 -5.30 -3.28 -19.88
C ARG A 53 -4.42 -4.35 -19.32
N TYR A 54 -5.07 -5.30 -18.70
CA TYR A 54 -4.33 -6.34 -18.01
C TYR A 54 -5.21 -7.59 -17.97
N ASP A 55 -4.65 -8.71 -18.39
CA ASP A 55 -5.47 -9.92 -18.56
C ASP A 55 -4.97 -11.12 -17.78
N ARG A 56 -4.01 -10.87 -16.87
CA ARG A 56 -3.57 -11.84 -15.89
C ARG A 56 -2.79 -12.96 -16.50
N THR A 57 -2.06 -12.69 -17.58
CA THR A 57 -1.09 -13.59 -18.13
C THR A 57 0.27 -13.02 -17.86
N GLU A 58 1.25 -13.84 -18.06
CA GLU A 58 2.63 -13.45 -17.90
C GLU A 58 3.02 -12.39 -18.87
N ALA A 59 2.61 -12.55 -20.12
CA ALA A 59 2.98 -11.55 -21.12
C ALA A 59 2.39 -10.17 -20.69
N SER A 60 1.15 -10.20 -20.27
CA SER A 60 0.44 -8.96 -19.92
C SER A 60 1.06 -8.35 -18.69
N LEU A 61 1.38 -9.16 -17.68
CA LEU A 61 2.01 -8.63 -16.45
C LEU A 61 3.35 -8.02 -16.79
N HIS A 62 4.10 -8.66 -17.65
CA HIS A 62 5.37 -8.11 -18.04
C HIS A 62 5.21 -6.74 -18.73
N ARG A 63 4.23 -6.68 -19.62
CA ARG A 63 3.94 -5.39 -20.34
C ARG A 63 3.67 -4.26 -19.35
N VAL A 64 2.76 -4.50 -18.43
CA VAL A 64 2.26 -3.41 -17.58
C VAL A 64 3.24 -3.06 -16.47
N LEU A 65 4.11 -4.01 -16.09
CA LEU A 65 5.24 -3.69 -15.22
C LEU A 65 6.23 -2.72 -15.84
N GLY A 66 6.21 -2.61 -17.16
CA GLY A 66 7.04 -1.65 -17.87
C GLY A 66 6.45 -0.25 -17.92
N SER A 67 5.31 0.00 -17.29
CA SER A 67 4.65 1.35 -17.45
C SER A 67 5.40 2.47 -16.76
N TRP A 68 6.25 2.08 -15.80
CA TRP A 68 7.14 3.02 -15.15
C TRP A 68 8.29 2.28 -14.48
N THR A 69 9.36 3.04 -14.28
CA THR A 69 10.56 2.53 -13.66
C THR A 69 10.99 3.54 -12.59
N GLY A 70 11.91 3.14 -11.75
CA GLY A 70 12.58 4.12 -10.85
C GLY A 70 13.11 5.40 -11.48
N ASP A 71 13.80 5.23 -12.57
CA ASP A 71 14.32 6.34 -13.36
C ASP A 71 13.24 7.21 -13.98
N SER A 72 12.22 6.61 -14.60
CA SER A 72 11.17 7.44 -15.19
C SER A 72 10.47 8.23 -14.12
N VAL A 73 10.25 7.59 -12.96
CA VAL A 73 9.62 8.25 -11.80
C VAL A 73 10.45 9.41 -11.25
N ASN A 74 11.74 9.16 -11.12
CA ASN A 74 12.65 10.18 -10.58
C ASN A 74 12.80 11.34 -11.55
N TYR A 75 12.91 11.05 -12.83
CA TYR A 75 12.96 12.15 -13.80
C TYR A 75 11.73 13.05 -13.70
N ALA A 76 10.54 12.46 -13.72
CA ALA A 76 9.32 13.21 -13.54
C ALA A 76 9.20 13.97 -12.24
N ALA A 77 9.48 13.31 -11.13
CA ALA A 77 9.33 13.90 -9.82
C ALA A 77 10.33 15.04 -9.57
N SER A 78 11.52 14.87 -10.10
CA SER A 78 12.58 15.86 -9.85
C SER A 78 12.28 17.24 -10.44
N ARG A 79 11.30 17.33 -11.34
CA ARG A 79 10.83 18.59 -11.90
C ARG A 79 10.26 19.44 -10.78
N PHE A 80 9.72 18.76 -9.75
CA PHE A 80 9.01 19.38 -8.64
C PHE A 80 9.88 19.52 -7.37
N PHE A 81 11.16 19.18 -7.44
CA PHE A 81 12.04 19.27 -6.26
C PHE A 81 12.72 20.63 -6.03
N GLY A 82 13.25 20.75 -4.82
CA GLY A 82 13.92 21.94 -4.33
C GLY A 82 14.47 21.69 -2.93
N PHE A 83 14.43 22.73 -2.09
CA PHE A 83 14.96 22.64 -0.72
C PHE A 83 14.03 21.80 0.12
N ASP A 84 12.76 22.24 0.23
CA ASP A 84 11.77 21.57 1.06
C ASP A 84 11.35 20.21 0.42
N GLN A 85 10.92 19.27 1.27
CA GLN A 85 10.60 17.91 0.84
C GLN A 85 9.17 18.01 0.41
N ILE A 86 8.80 17.28 -0.64
CA ILE A 86 7.36 17.22 -1.02
C ILE A 86 6.84 15.77 -0.86
N GLY A 87 5.52 15.64 -0.76
CA GLY A 87 4.91 14.34 -0.61
C GLY A 87 4.83 13.64 -1.98
N CYS A 88 5.18 12.36 -2.00
CA CYS A 88 5.10 11.49 -3.16
C CYS A 88 4.26 10.26 -2.86
N THR A 89 3.39 9.92 -3.83
CA THR A 89 2.46 8.84 -3.69
C THR A 89 2.25 8.04 -4.96
N TYR A 90 2.30 6.71 -4.82
CA TYR A 90 1.88 5.77 -5.84
C TYR A 90 0.64 5.11 -5.37
N SER A 91 -0.36 5.05 -6.23
CA SER A 91 -1.59 4.32 -5.92
C SER A 91 -1.97 3.35 -7.05
N ILE A 92 -2.44 2.18 -6.69
CA ILE A 92 -2.90 1.21 -7.66
C ILE A 92 -4.18 0.58 -7.14
N ARG A 93 -5.11 0.35 -8.05
CA ARG A 93 -6.35 -0.33 -7.75
C ARG A 93 -6.73 -1.44 -8.78
N PHE A 94 -7.07 -2.62 -8.27
CA PHE A 94 -7.39 -3.79 -9.08
C PHE A 94 -8.27 -4.69 -8.27
N ARG A 95 -9.43 -5.01 -8.84
CA ARG A 95 -10.34 -5.97 -8.27
C ARG A 95 -10.81 -5.61 -6.85
N GLY A 96 -11.15 -4.36 -6.62
CA GLY A 96 -11.65 -3.98 -5.34
C GLY A 96 -10.59 -3.68 -4.25
N VAL A 97 -9.30 -3.86 -4.55
CA VAL A 97 -8.25 -3.55 -3.60
C VAL A 97 -7.39 -2.42 -4.09
N SER A 98 -7.22 -1.43 -3.24
CA SER A 98 -6.31 -0.31 -3.50
C SER A 98 -5.13 -0.30 -2.52
N ILE A 99 -3.94 -0.02 -3.04
CA ILE A 99 -2.70 0.00 -2.32
C ILE A 99 -2.11 1.31 -2.62
N THR A 100 -1.80 2.06 -1.57
CA THR A 100 -1.11 3.32 -1.81
C THR A 100 0.21 3.31 -1.07
N VAL A 101 1.26 3.79 -1.70
CA VAL A 101 2.59 3.83 -1.12
C VAL A 101 2.95 5.30 -1.11
N SER A 102 3.27 5.81 0.06
CA SER A 102 3.57 7.21 0.17
C SER A 102 4.65 7.59 1.18
N GLY A 103 5.30 8.71 0.88
CA GLY A 103 6.32 9.27 1.71
C GLY A 103 6.84 10.55 1.13
N GLY A 104 8.00 10.99 1.58
CA GLY A 104 8.51 12.27 1.16
C GLY A 104 9.50 12.02 0.13
N SER A 105 9.82 13.07 -0.63
CA SER A 105 10.73 12.94 -1.79
C SER A 105 12.12 12.51 -1.51
N ARG A 106 12.56 12.75 -0.30
CA ARG A 106 13.88 12.26 0.06
C ARG A 106 13.91 10.73 0.08
N THR A 107 12.77 10.09 0.22
CA THR A 107 12.77 8.62 0.29
C THR A 107 12.26 7.99 -1.01
N LEU A 108 12.34 8.69 -2.14
CA LEU A 108 11.68 8.28 -3.38
C LEU A 108 12.16 6.97 -3.89
N GLN A 109 13.44 6.67 -3.73
CA GLN A 109 13.98 5.40 -4.19
C GLN A 109 13.29 4.21 -3.47
N HIS A 110 13.03 4.38 -2.18
CA HIS A 110 12.43 3.33 -1.37
C HIS A 110 10.96 3.27 -1.66
N LEU A 111 10.33 4.41 -1.89
CA LEU A 111 8.95 4.35 -2.28
C LEU A 111 8.77 3.59 -3.60
N CYS A 112 9.66 3.80 -4.60
CA CYS A 112 9.59 3.10 -5.86
C CYS A 112 9.74 1.60 -5.68
N GLU A 113 10.71 1.20 -4.86
CA GLU A 113 10.96 -0.23 -4.58
C GLU A 113 9.72 -0.89 -3.99
N MET A 114 9.09 -0.26 -3.01
CA MET A 114 7.86 -0.77 -2.46
C MET A 114 6.69 -0.64 -3.46
N ALA A 115 6.64 0.44 -4.24
CA ALA A 115 5.56 0.56 -5.22
C ALA A 115 5.60 -0.58 -6.24
N ILE A 116 6.76 -0.87 -6.78
CA ILE A 116 6.86 -1.97 -7.79
C ILE A 116 6.50 -3.35 -7.24
N ARG A 117 6.91 -3.64 -6.00
CA ARG A 117 6.52 -4.90 -5.35
C ARG A 117 5.03 -4.93 -5.08
N SER A 118 4.49 -3.81 -4.63
CA SER A 118 3.10 -3.72 -4.36
C SER A 118 2.30 -4.01 -5.67
N LYS A 119 2.75 -3.39 -6.75
CA LYS A 119 2.08 -3.57 -8.04
C LYS A 119 2.11 -5.05 -8.45
N GLN A 120 3.27 -5.65 -8.40
CA GLN A 120 3.35 -7.07 -8.80
C GLN A 120 2.50 -7.99 -7.93
N GLU A 121 2.50 -7.74 -6.63
CA GLU A 121 1.78 -8.59 -5.72
C GLU A 121 0.31 -8.43 -5.93
N MET A 122 -0.15 -7.22 -6.20
CA MET A 122 -1.57 -7.07 -6.36
C MET A 122 -2.07 -7.66 -7.70
N LEU A 123 -1.31 -7.44 -8.75
CA LEU A 123 -1.74 -7.90 -10.04
C LEU A 123 -1.62 -9.42 -10.15
N GLN A 124 -0.83 -10.08 -9.30
CA GLN A 124 -0.82 -11.56 -9.24
C GLN A 124 -1.64 -12.18 -8.12
N MET A 125 -2.47 -11.41 -7.44
CA MET A 125 -3.11 -11.94 -6.26
C MET A 125 -4.09 -13.06 -6.62
N ALA A 126 -4.20 -14.06 -5.75
CA ALA A 126 -5.08 -15.21 -5.94
C ALA A 126 -6.45 -14.76 -6.43
N PRO A 127 -6.99 -15.42 -7.49
CA PRO A 127 -8.33 -15.02 -7.92
C PRO A 127 -9.34 -15.06 -6.76
N MET C 4 -14.21 -2.05 22.68
CA MET C 4 -14.31 -2.74 21.38
C MET C 4 -13.24 -3.82 21.25
N THR C 5 -13.54 -4.94 20.61
CA THR C 5 -12.55 -6.00 20.39
C THR C 5 -11.56 -5.64 19.26
N SER C 6 -10.30 -5.79 19.57
CA SER C 6 -9.24 -5.37 18.67
C SER C 6 -8.98 -6.41 17.66
N PRO C 7 -8.56 -6.01 16.47
CA PRO C 7 -8.00 -6.97 15.53
C PRO C 7 -6.62 -7.46 15.93
N PHE C 8 -5.94 -6.69 16.78
CA PHE C 8 -4.62 -7.07 17.25
C PHE C 8 -4.51 -8.14 18.36
N LYS C 9 -3.44 -8.93 18.29
CA LYS C 9 -3.15 -10.02 19.21
C LYS C 9 -1.91 -9.74 20.12
N LEU C 10 -1.26 -8.59 19.95
CA LEU C 10 -0.13 -8.16 20.80
C LEU C 10 -0.54 -6.78 21.28
N PRO C 11 -0.17 -6.45 22.51
CA PRO C 11 -0.51 -5.17 23.00
C PRO C 11 0.38 -4.03 22.41
N ASP C 12 -0.05 -2.79 22.59
CA ASP C 12 0.68 -1.65 22.12
C ASP C 12 2.01 -1.49 22.82
N GLU C 13 3.00 -0.95 22.11
CA GLU C 13 4.38 -0.74 22.64
C GLU C 13 4.90 0.66 22.38
N SER C 14 4.02 1.65 22.40
CA SER C 14 4.39 3.02 22.12
C SER C 14 5.45 3.49 23.13
N PRO C 15 6.59 4.03 22.67
CA PRO C 15 7.56 4.54 23.63
C PRO C 15 7.06 5.79 24.29
N SER C 16 7.40 5.96 25.58
CA SER C 16 7.22 7.24 26.25
C SER C 16 8.05 8.30 25.52
N TRP C 17 7.68 9.55 25.75
CA TRP C 17 8.51 10.66 25.27
C TRP C 17 10.00 10.57 25.72
N THR C 18 10.22 10.23 26.98
CA THR C 18 11.61 10.05 27.45
C THR C 18 12.30 8.91 26.80
N GLU C 19 11.66 7.75 26.68
CA GLU C 19 12.37 6.66 25.96
C GLU C 19 12.74 7.06 24.53
N TRP C 20 11.80 7.73 23.87
CA TRP C 20 11.99 8.17 22.46
C TRP C 20 13.16 9.17 22.36
N ARG C 21 13.22 10.11 23.28
CA ARG C 21 14.39 11.04 23.31
C ARG C 21 15.71 10.30 23.51
N LEU C 22 15.72 9.37 24.48
CA LEU C 22 16.95 8.63 24.74
C LEU C 22 17.35 7.85 23.53
N HIS C 23 16.39 7.31 22.80
CA HIS C 23 16.77 6.45 21.68
C HIS C 23 17.32 7.39 20.60
N ASN C 24 16.65 8.50 20.41
CA ASN C 24 17.18 9.52 19.49
C ASN C 24 18.58 10.00 19.79
N ASP C 25 18.87 10.26 21.05
CA ASP C 25 20.22 10.66 21.41
C ASP C 25 21.27 9.63 21.11
N GLU C 26 20.94 8.35 21.14
CA GLU C 26 21.97 7.35 21.10
C GLU C 26 22.12 6.66 19.74
N THR C 27 21.28 6.97 18.75
CA THR C 27 21.43 6.38 17.41
C THR C 27 21.87 7.44 16.42
N ASN C 30 18.25 9.01 13.75
CA ASN C 30 18.28 8.28 12.50
C ASN C 30 16.94 7.61 12.15
N GLN C 31 16.33 8.05 11.04
CA GLN C 31 14.99 7.58 10.60
C GLN C 31 15.03 6.17 10.05
N ASP C 32 16.23 5.69 9.78
CA ASP C 32 16.40 4.33 9.34
C ASP C 32 16.63 3.35 10.46
N ASN C 33 16.68 3.82 11.72
CA ASN C 33 16.77 2.90 12.87
C ASN C 33 15.85 3.25 14.05
N PRO C 34 14.55 3.17 13.80
CA PRO C 34 13.64 3.55 14.85
C PRO C 34 13.49 2.37 15.81
N LEU C 35 12.75 2.63 16.88
CA LEU C 35 12.38 1.63 17.90
C LEU C 35 11.46 0.62 17.32
N GLY C 36 10.56 1.06 16.43
CA GLY C 36 9.75 0.05 15.71
C GLY C 36 8.90 0.68 14.61
N PHE C 37 7.69 0.18 14.41
CA PHE C 37 6.83 0.70 13.31
C PHE C 37 5.44 0.86 13.87
N LYS C 38 4.63 1.60 13.13
CA LYS C 38 3.25 1.83 13.44
C LYS C 38 2.36 1.20 12.41
N GLU C 39 1.31 0.56 12.89
CA GLU C 39 0.28 -0.03 12.07
C GLU C 39 -1.12 0.27 12.57
N SER C 40 -2.09 0.22 11.66
CA SER C 40 -3.49 0.49 11.97
C SER C 40 -4.47 -0.28 11.10
N TRP C 41 -5.55 -0.73 11.71
CA TRP C 41 -6.69 -1.30 11.05
C TRP C 41 -7.90 -0.42 11.32
N GLY C 42 -8.61 -0.09 10.23
CA GLY C 42 -9.74 0.84 10.26
C GLY C 42 -10.90 0.13 9.58
N PHE C 43 -12.05 0.08 10.27
CA PHE C 43 -13.28 -0.52 9.77
C PHE C 43 -14.41 0.52 9.94
N GLY C 44 -14.93 1.08 8.87
CA GLY C 44 -16.00 2.08 9.00
C GLY C 44 -15.39 3.27 9.66
N LYS C 45 -15.87 3.65 10.85
CA LYS C 45 -15.44 4.90 11.50
C LYS C 45 -14.37 4.61 12.57
N VAL C 46 -14.16 3.35 12.86
CA VAL C 46 -13.27 3.02 13.97
C VAL C 46 -11.85 2.62 13.48
N VAL C 47 -10.83 3.13 14.18
CA VAL C 47 -9.44 2.75 13.94
C VAL C 47 -8.70 2.19 15.20
N PHE C 48 -7.96 1.09 15.00
CA PHE C 48 -7.16 0.47 16.02
C PHE C 48 -5.73 0.60 15.61
N LYS C 49 -4.88 0.91 16.57
CA LYS C 49 -3.49 1.28 16.28
C LYS C 49 -2.54 0.55 17.16
N ARG C 50 -1.35 0.29 16.62
CA ARG C 50 -0.24 -0.35 17.35
C ARG C 50 1.04 0.29 16.90
N TYR C 51 1.90 0.57 17.88
CA TYR C 51 3.35 0.71 17.71
C TYR C 51 3.99 -0.56 18.25
N LEU C 52 4.78 -1.20 17.43
CA LEU C 52 5.47 -2.42 17.81
C LEU C 52 6.96 -2.27 17.58
N ARG C 53 7.74 -2.81 18.53
CA ARG C 53 9.18 -2.79 18.49
C ARG C 53 9.61 -3.77 17.47
N TYR C 54 10.61 -3.37 16.72
CA TYR C 54 11.05 -4.19 15.60
C TYR C 54 12.51 -3.86 15.35
N ASP C 55 13.35 -4.89 15.28
CA ASP C 55 14.80 -4.67 15.23
C ASP C 55 15.47 -5.31 14.03
N ARG C 56 14.66 -5.78 13.07
CA ARG C 56 15.12 -6.20 11.76
C ARG C 56 15.87 -7.50 11.83
N THR C 57 15.53 -8.37 12.78
CA THR C 57 16.00 -9.72 12.81
C THR C 57 14.85 -10.62 12.46
N GLU C 58 15.17 -11.84 12.18
CA GLU C 58 14.19 -12.86 11.90
C GLU C 58 13.28 -13.12 13.03
N ALA C 59 13.85 -13.20 14.24
CA ALA C 59 13.01 -13.47 15.41
C ALA C 59 11.98 -12.31 15.56
N SER C 60 12.48 -11.11 15.40
CA SER C 60 11.63 -9.92 15.61
C SER C 60 10.58 -9.85 14.54
N LEU C 61 10.95 -10.10 13.28
CA LEU C 61 9.96 -10.08 12.17
C LEU C 61 8.90 -11.13 12.41
N HIS C 62 9.31 -12.30 12.87
CA HIS C 62 8.34 -13.34 13.14
C HIS C 62 7.36 -12.89 14.24
N ARG C 63 7.91 -12.29 15.28
CA ARG C 63 7.05 -11.80 16.41
C ARG C 63 5.99 -10.82 15.92
N VAL C 64 6.41 -9.83 15.17
CA VAL C 64 5.51 -8.74 14.81
C VAL C 64 4.54 -9.11 13.69
N LEU C 65 4.90 -10.11 12.87
CA LEU C 65 3.97 -10.71 11.93
C LEU C 65 2.80 -11.41 12.62
N GLY C 66 2.98 -11.76 13.88
CA GLY C 66 1.91 -12.35 14.67
C GLY C 66 0.97 -11.33 15.28
N SER C 67 1.12 -10.04 14.99
CA SER C 67 0.25 -9.02 15.70
C SER C 67 -1.19 -9.06 15.26
N TRP C 68 -1.42 -9.62 14.08
CA TRP C 68 -2.76 -9.86 13.58
C TRP C 68 -2.76 -10.93 12.51
N THR C 69 -3.93 -11.53 12.34
CA THR C 69 -4.13 -12.57 11.36
C THR C 69 -5.42 -12.25 10.60
N GLY C 70 -5.65 -12.95 9.51
CA GLY C 70 -6.97 -12.89 8.85
C GLY C 70 -8.21 -13.08 9.73
N ASP C 71 -8.14 -14.08 10.55
CA ASP C 71 -9.19 -14.37 11.52
C ASP C 71 -9.35 -13.29 12.59
N SER C 72 -8.24 -12.82 13.18
CA SER C 72 -8.40 -11.78 14.20
C SER C 72 -8.99 -10.53 13.59
N VAL C 73 -8.56 -10.21 12.35
CA VAL C 73 -9.10 -9.07 11.62
C VAL C 73 -10.58 -9.19 11.30
N ASN C 74 -10.97 -10.37 10.85
CA ASN C 74 -12.36 -10.63 10.48
C ASN C 74 -13.25 -10.63 11.71
N TYR C 75 -12.79 -11.24 12.79
CA TYR C 75 -13.58 -11.18 14.03
C TYR C 75 -13.84 -9.73 14.46
N ALA C 76 -12.80 -8.92 14.53
CA ALA C 76 -12.95 -7.51 14.85
C ALA C 76 -13.83 -6.72 13.91
N ALA C 77 -13.60 -6.87 12.60
CA ALA C 77 -14.31 -6.10 11.61
C ALA C 77 -15.80 -6.49 11.54
N SER C 78 -16.07 -7.75 11.73
CA SER C 78 -17.44 -8.24 11.59
C SER C 78 -18.41 -7.65 12.62
N ARG C 79 -17.87 -7.04 13.68
CA ARG C 79 -18.67 -6.34 14.69
C ARG C 79 -19.38 -5.17 14.04
N PHE C 80 -18.75 -4.64 12.98
CA PHE C 80 -19.21 -3.44 12.28
C PHE C 80 -19.97 -3.74 10.97
N PHE C 81 -20.22 -5.02 10.67
CA PHE C 81 -20.91 -5.38 9.42
C PHE C 81 -22.46 -5.41 9.51
N GLY C 82 -23.03 -5.46 8.31
CA GLY C 82 -24.47 -5.46 8.09
C GLY C 82 -24.77 -5.58 6.60
N PHE C 83 -25.84 -4.91 6.16
CA PHE C 83 -26.27 -4.96 4.76
C PHE C 83 -25.29 -4.20 3.89
N ASP C 84 -25.13 -2.90 4.18
CA ASP C 84 -24.28 -2.02 3.41
C ASP C 84 -22.77 -2.35 3.66
N GLN C 85 -21.93 -2.06 2.66
CA GLN C 85 -20.52 -2.39 2.70
C GLN C 85 -19.89 -1.25 3.42
N ILE C 86 -18.87 -1.53 4.23
CA ILE C 86 -18.10 -0.41 4.86
C ILE C 86 -16.65 -0.44 4.37
N GLY C 87 -15.97 0.69 4.48
CA GLY C 87 -14.60 0.79 4.07
C GLY C 87 -13.67 0.18 5.14
N CYS C 88 -12.70 -0.60 4.68
CA CYS C 88 -11.67 -1.22 5.51
C CYS C 88 -10.28 -0.83 5.00
N THR C 89 -9.41 -0.50 5.98
CA THR C 89 -8.09 -0.03 5.69
C THR C 89 -7.04 -0.55 6.65
N TYR C 90 -5.93 -1.05 6.11
CA TYR C 90 -4.72 -1.35 6.84
C TYR C 90 -3.69 -0.35 6.46
N SER C 91 -3.02 0.23 7.44
CA SER C 91 -1.91 1.13 7.16
C SER C 91 -0.66 0.75 7.99
N ILE C 92 0.51 0.85 7.39
CA ILE C 92 1.76 0.59 8.07
C ILE C 92 2.77 1.63 7.65
N ARG C 93 3.56 2.08 8.62
CA ARG C 93 4.63 3.02 8.37
C ARG C 93 5.97 2.60 9.04
N PHE C 94 7.05 2.63 8.26
CA PHE C 94 8.38 2.23 8.72
C PHE C 94 9.40 2.92 7.86
N ARG C 95 10.31 3.64 8.53
CA ARG C 95 11.44 4.26 7.86
C ARG C 95 11.05 5.26 6.77
N GLY C 96 10.06 6.08 7.01
CA GLY C 96 9.68 7.06 6.04
C GLY C 96 8.74 6.58 4.91
N VAL C 97 8.39 5.30 4.88
CA VAL C 97 7.45 4.80 3.88
C VAL C 97 6.19 4.30 4.52
N SER C 98 5.08 4.78 4.01
CA SER C 98 3.75 4.31 4.42
C SER C 98 3.03 3.60 3.27
N ILE C 99 2.37 2.48 3.61
CA ILE C 99 1.65 1.64 2.69
C ILE C 99 0.31 1.52 3.27
N THR C 100 -0.71 1.84 2.47
CA THR C 100 -2.06 1.63 2.94
C THR C 100 -2.76 0.70 1.98
N VAL C 101 -3.54 -0.25 2.50
CA VAL C 101 -4.27 -1.21 1.72
C VAL C 101 -5.71 -0.97 2.09
N SER C 102 -6.54 -0.70 1.11
CA SER C 102 -7.91 -0.42 1.40
C SER C 102 -8.93 -0.90 0.35
N GLY C 103 -10.13 -1.16 0.84
CA GLY C 103 -11.25 -1.59 0.03
C GLY C 103 -12.47 -1.73 0.89
N GLY C 104 -13.46 -2.45 0.39
CA GLY C 104 -14.72 -2.56 1.06
C GLY C 104 -14.72 -3.84 1.75
N SER C 105 -15.64 -3.97 2.71
CA SER C 105 -15.69 -5.18 3.56
C SER C 105 -15.99 -6.47 2.90
N ARG C 106 -16.64 -6.38 1.76
CA ARG C 106 -16.86 -7.61 1.00
C ARG C 106 -15.54 -8.19 0.50
N THR C 107 -14.49 -7.39 0.39
CA THR C 107 -13.23 -7.90 -0.12
C THR C 107 -12.18 -8.10 0.99
N LEU C 108 -12.61 -8.26 2.24
CA LEU C 108 -11.72 -8.23 3.39
C LEU C 108 -10.67 -9.28 3.36
N GLN C 109 -11.01 -10.47 2.86
CA GLN C 109 -10.04 -11.57 2.78
C GLN C 109 -8.84 -11.17 1.88
N HIS C 110 -9.14 -10.48 0.79
CA HIS C 110 -8.12 -10.08 -0.16
C HIS C 110 -7.35 -8.91 0.37
N LEU C 111 -8.03 -8.00 1.07
CA LEU C 111 -7.29 -6.94 1.68
C LEU C 111 -6.28 -7.48 2.72
N CYS C 112 -6.66 -8.50 3.53
CA CYS C 112 -5.76 -9.08 4.50
C CYS C 112 -4.55 -9.72 3.83
N GLU C 113 -4.79 -10.45 2.75
CA GLU C 113 -3.71 -11.11 2.00
C GLU C 113 -2.71 -10.09 1.49
N MET C 114 -3.18 -8.99 0.90
CA MET C 114 -2.31 -7.93 0.48
C MET C 114 -1.69 -7.17 1.67
N ALA C 115 -2.45 -6.98 2.74
CA ALA C 115 -1.91 -6.28 3.92
C ALA C 115 -0.73 -7.06 4.49
N ILE C 116 -0.88 -8.36 4.67
CA ILE C 116 0.26 -9.17 5.25
C ILE C 116 1.51 -9.19 4.38
N ARG C 117 1.33 -9.28 3.06
CA ARG C 117 2.48 -9.19 2.14
C ARG C 117 3.11 -7.80 2.18
N SER C 118 2.28 -6.79 2.21
CA SER C 118 2.76 -5.44 2.26
C SER C 118 3.63 -5.26 3.54
N LYS C 119 3.11 -5.76 4.66
CA LYS C 119 3.83 -5.65 5.93
C LYS C 119 5.17 -6.35 5.85
N GLN C 120 5.18 -7.57 5.39
CA GLN C 120 6.46 -8.29 5.29
C GLN C 120 7.47 -7.62 4.37
N GLU C 121 7.00 -7.12 3.24
CA GLU C 121 7.89 -6.52 2.27
C GLU C 121 8.44 -5.23 2.81
N MET C 122 7.63 -4.47 3.53
CA MET C 122 8.15 -3.23 4.01
C MET C 122 9.16 -3.41 5.16
N LEU C 123 8.83 -4.33 6.06
CA LEU C 123 9.69 -4.53 7.20
C LEU C 123 10.99 -5.23 6.81
N GLN C 124 11.05 -5.89 5.66
CA GLN C 124 12.33 -6.43 5.14
C GLN C 124 13.01 -5.60 4.07
N MET C 125 12.56 -4.37 3.84
CA MET C 125 13.07 -3.64 2.69
C MET C 125 14.56 -3.30 2.89
N ALA C 126 15.30 -3.30 1.78
CA ALA C 126 16.74 -3.02 1.78
C ALA C 126 17.05 -1.80 2.65
N PRO C 127 18.07 -1.91 3.53
CA PRO C 127 18.40 -0.73 4.33
C PRO C 127 18.64 0.50 3.43
#